data_7P4U
#
_entry.id   7P4U
#
_cell.length_a   120.319
_cell.length_b   120.319
_cell.length_c   115.201
_cell.angle_alpha   90.000
_cell.angle_beta   90.000
_cell.angle_gamma   120.000
#
_symmetry.space_group_name_H-M   'P 65 2 2'
#
loop_
_entity.id
_entity.type
_entity.pdbx_description
1 polymer 'Transcriptional regulator MvfR'
2 non-polymer ~{N}-[[2-(3-chloranyl-4-propan-2-yloxy-phenyl)pyrimidin-5-yl]methyl]-2-(trifluoromethyl)pyridin-4-amine
3 water water
#
_entity_poly.entity_id   1
_entity_poly.type   'polypeptide(L)'
_entity_poly.pdbx_seq_one_letter_code
;GPRNLRVLLDTAIPPSFCDTVSSVLLDDFNMVSLIRTSPADSLATIKQDNAEIDIAITIDEELKISRFNQCVLGYTKAFV
VAHPQHPLCNASLHSIASLANYRQISLGSRSGQHSNLLRPVSDKVLFVENFDDMLRLVEAGVGWGIAPHYFVEERLRNGT
LAVLSELYEPGGIDTKVYCYYNTALESERSFLRFLESARQRLRELGRQRFDDAPAWQPSIVETAQRRSG
;
_entity_poly.pdbx_strand_id   A
#
loop_
_chem_comp.id
_chem_comp.type
_chem_comp.name
_chem_comp.formula
5N9 non-polymer ~{N}-[[2-(3-chloranyl-4-propan-2-yloxy-phenyl)pyrimidin-5-yl]methyl]-2-(trifluoromethyl)pyridin-4-amine 'C20 H18 Cl F3 N4 O'
#
# COMPACT_ATOMS: atom_id res chain seq x y z
N ARG A 3 -26.98 9.89 2.87
CA ARG A 3 -25.87 10.79 3.14
C ARG A 3 -24.68 10.47 2.23
N ASN A 4 -23.63 11.28 2.33
CA ASN A 4 -22.46 11.14 1.46
C ASN A 4 -21.39 10.27 2.10
N LEU A 5 -20.68 9.53 1.27
CA LEU A 5 -19.61 8.62 1.69
C LEU A 5 -18.31 9.07 1.04
N ARG A 6 -17.19 8.81 1.70
CA ARG A 6 -15.86 9.17 1.17
C ARG A 6 -14.90 8.03 1.53
N VAL A 7 -14.62 7.14 0.54
CA VAL A 7 -13.73 6.01 0.73
C VAL A 7 -12.32 6.43 0.36
N LEU A 8 -11.33 5.86 1.03
CA LEU A 8 -9.93 6.17 0.80
C LEU A 8 -9.17 4.88 0.53
N LEU A 9 -8.39 4.86 -0.56
CA LEU A 9 -7.58 3.71 -0.93
C LEU A 9 -6.14 4.15 -1.10
N ASP A 10 -5.20 3.49 -0.42
CA ASP A 10 -3.82 3.90 -0.58
C ASP A 10 -3.28 3.34 -1.89
N THR A 11 -2.09 3.85 -2.27
CA THR A 11 -1.49 3.48 -3.55
C THR A 11 -1.05 2.02 -3.57
N ALA A 12 -0.83 1.40 -2.40
CA ALA A 12 -0.40 0.01 -2.40
C ALA A 12 -1.51 -0.92 -2.87
N ILE A 13 -2.76 -0.52 -2.69
CA ILE A 13 -3.89 -1.36 -3.10
C ILE A 13 -4.15 -1.15 -4.59
N PRO A 14 -4.22 -2.22 -5.39
CA PRO A 14 -4.38 -2.05 -6.85
C PRO A 14 -5.73 -1.44 -7.20
N PRO A 15 -5.87 -0.86 -8.41
CA PRO A 15 -7.10 -0.14 -8.72
C PRO A 15 -8.31 -1.05 -8.95
N SER A 16 -8.11 -2.21 -9.57
CA SER A 16 -9.23 -3.12 -9.79
C SER A 16 -9.92 -3.52 -8.49
N PHE A 17 -9.33 -3.18 -7.34
CA PHE A 17 -10.00 -3.38 -6.06
C PHE A 17 -11.05 -2.29 -5.82
N CYS A 18 -10.66 -1.01 -5.94
CA CYS A 18 -11.65 0.06 -5.95
C CYS A 18 -12.70 -0.12 -7.04
N ASP A 19 -12.37 -0.86 -8.10
CA ASP A 19 -13.39 -1.32 -9.00
C ASP A 19 -14.53 -1.95 -8.21
N THR A 20 -14.23 -3.08 -7.54
CA THR A 20 -15.27 -3.86 -6.86
C THR A 20 -15.80 -3.19 -5.60
N VAL A 21 -15.06 -2.25 -5.02
CA VAL A 21 -15.55 -1.52 -3.84
C VAL A 21 -16.72 -0.62 -4.24
N SER A 22 -16.57 0.11 -5.35
CA SER A 22 -17.62 1.03 -5.80
C SER A 22 -18.79 0.26 -6.42
N SER A 23 -18.54 -0.86 -7.09
CA SER A 23 -19.62 -1.68 -7.62
C SER A 23 -20.65 -1.95 -6.53
N VAL A 24 -20.17 -2.24 -5.31
CA VAL A 24 -21.01 -2.73 -4.23
C VAL A 24 -21.67 -1.59 -3.48
N LEU A 25 -20.90 -0.53 -3.16
CA LEU A 25 -21.41 0.51 -2.27
C LEU A 25 -22.50 1.35 -2.93
N LEU A 26 -22.37 1.61 -4.23
CA LEU A 26 -23.37 2.44 -4.91
C LEU A 26 -24.76 1.83 -4.88
N ASP A 27 -24.86 0.50 -5.00
CA ASP A 27 -26.16 -0.15 -5.00
C ASP A 27 -27.03 0.32 -3.83
N ASP A 28 -26.41 0.61 -2.69
CA ASP A 28 -27.13 1.04 -1.49
C ASP A 28 -26.61 2.39 -1.00
N PHE A 29 -26.27 3.27 -1.92
CA PHE A 29 -25.91 4.64 -1.59
C PHE A 29 -26.28 5.59 -2.73
N ASN A 30 -26.06 6.89 -2.47
CA ASN A 30 -26.23 7.96 -3.46
C ASN A 30 -24.91 8.40 -4.07
N MET A 31 -23.89 8.66 -3.24
CA MET A 31 -22.63 9.23 -3.69
C MET A 31 -21.48 8.54 -2.97
N VAL A 32 -20.48 8.12 -3.73
CA VAL A 32 -19.29 7.45 -3.21
C VAL A 32 -18.08 8.13 -3.81
N SER A 33 -17.22 8.68 -2.96
CA SER A 33 -16.04 9.42 -3.41
C SER A 33 -14.79 8.60 -3.08
N LEU A 34 -14.06 8.23 -4.12
CA LEU A 34 -12.86 7.39 -3.99
C LEU A 34 -11.65 8.31 -3.98
N ILE A 35 -10.74 8.10 -3.03
CA ILE A 35 -9.60 8.99 -2.84
C ILE A 35 -8.34 8.14 -2.72
N ARG A 36 -7.32 8.49 -3.50
CA ARG A 36 -6.06 7.76 -3.49
C ARG A 36 -5.02 8.58 -2.72
N THR A 37 -4.22 7.88 -1.91
CA THR A 37 -3.15 8.52 -1.14
C THR A 37 -1.97 7.59 -1.00
N SER A 38 -0.78 8.18 -0.90
CA SER A 38 0.41 7.42 -0.57
C SER A 38 0.17 6.65 0.73
N PRO A 39 0.68 5.41 0.84
CA PRO A 39 0.53 4.70 2.12
C PRO A 39 1.04 5.48 3.32
N ALA A 40 2.05 6.34 3.12
CA ALA A 40 2.57 7.13 4.23
C ALA A 40 1.62 8.22 4.66
N ASP A 41 0.71 8.64 3.79
CA ASP A 41 -0.23 9.70 4.09
C ASP A 41 -1.62 9.17 4.46
N SER A 42 -1.87 7.86 4.30
CA SER A 42 -3.23 7.34 4.44
C SER A 42 -3.75 7.58 5.86
N LEU A 43 -3.03 7.06 6.87
CA LEU A 43 -3.51 7.18 8.24
C LEU A 43 -3.65 8.64 8.65
N ALA A 44 -2.59 9.44 8.45
CA ALA A 44 -2.63 10.83 8.87
C ALA A 44 -3.82 11.58 8.28
N THR A 45 -4.32 11.14 7.13
CA THR A 45 -5.44 11.81 6.50
C THR A 45 -6.74 11.56 7.26
N ILE A 46 -7.03 10.31 7.58
CA ILE A 46 -8.30 9.98 8.23
C ILE A 46 -8.38 10.64 9.60
N LYS A 47 -7.25 10.78 10.29
CA LYS A 47 -7.28 11.33 11.64
C LYS A 47 -7.80 12.77 11.63
N GLN A 48 -7.46 13.53 10.60
CA GLN A 48 -8.00 14.88 10.46
C GLN A 48 -9.51 14.81 10.40
N ASP A 49 -10.19 15.26 11.46
CA ASP A 49 -11.64 15.33 11.44
C ASP A 49 -12.15 16.23 10.32
N ASN A 50 -11.26 17.03 9.72
CA ASN A 50 -11.64 17.97 8.67
C ASN A 50 -11.90 17.28 7.34
N ALA A 51 -11.42 16.04 7.18
CA ALA A 51 -11.52 15.33 5.91
C ALA A 51 -12.80 14.54 5.75
N GLU A 52 -13.56 14.33 6.84
CA GLU A 52 -14.81 13.59 6.79
C GLU A 52 -14.65 12.27 6.02
N ILE A 53 -13.58 11.55 6.36
CA ILE A 53 -13.33 10.24 5.78
C ILE A 53 -14.17 9.20 6.51
N ASP A 54 -14.94 8.43 5.76
CA ASP A 54 -15.85 7.44 6.34
C ASP A 54 -15.31 6.02 6.28
N ILE A 55 -14.54 5.67 5.25
CA ILE A 55 -13.87 4.38 5.15
C ILE A 55 -12.48 4.60 4.57
N ALA A 56 -11.49 3.92 5.14
CA ALA A 56 -10.11 3.96 4.67
C ALA A 56 -9.64 2.52 4.47
N ILE A 57 -8.88 2.30 3.39
CA ILE A 57 -8.43 0.97 3.00
C ILE A 57 -6.94 1.14 2.67
N THR A 58 -6.09 0.68 3.60
CA THR A 58 -4.65 0.91 3.47
C THR A 58 -3.91 -0.21 4.17
N ILE A 59 -2.57 -0.20 4.01
CA ILE A 59 -1.72 -1.21 4.62
C ILE A 59 -1.11 -0.75 5.94
N ASP A 60 -1.09 0.56 6.21
CA ASP A 60 -0.44 1.07 7.40
C ASP A 60 -1.21 0.63 8.65
N GLU A 61 -0.49 0.46 9.75
CA GLU A 61 -1.02 -0.19 10.93
C GLU A 61 -1.07 0.77 12.10
N GLU A 62 -2.19 0.75 12.83
CA GLU A 62 -2.31 1.51 14.07
C GLU A 62 -3.59 1.11 14.81
N LEU A 63 -3.44 0.68 16.07
CA LEU A 63 -4.56 0.28 16.89
C LEU A 63 -5.10 1.43 17.74
N LYS A 64 -4.38 2.55 17.81
CA LYS A 64 -4.77 3.70 18.62
C LYS A 64 -5.61 4.72 17.85
N ILE A 65 -5.90 4.46 16.57
CA ILE A 65 -6.83 5.30 15.82
C ILE A 65 -8.12 5.50 16.61
N SER A 66 -8.53 6.75 16.73
CA SER A 66 -9.69 7.14 17.51
C SER A 66 -10.83 7.56 16.60
N ARG A 67 -12.06 7.37 17.09
CA ARG A 67 -13.30 7.68 16.39
C ARG A 67 -13.59 6.73 15.24
N PHE A 68 -12.70 5.76 14.98
CA PHE A 68 -12.88 4.76 13.93
C PHE A 68 -12.86 3.37 14.55
N ASN A 69 -13.04 2.35 13.71
CA ASN A 69 -12.88 0.95 14.09
C ASN A 69 -11.86 0.34 13.13
N GLN A 70 -11.72 -0.98 13.14
CA GLN A 70 -10.67 -1.62 12.34
C GLN A 70 -11.01 -3.07 12.07
N CYS A 71 -10.97 -3.46 10.79
CA CYS A 71 -11.11 -4.84 10.35
C CYS A 71 -10.04 -5.12 9.31
N VAL A 72 -9.94 -6.39 8.89
CA VAL A 72 -8.92 -6.84 7.95
C VAL A 72 -9.64 -7.33 6.69
N LEU A 73 -9.17 -6.90 5.53
CA LEU A 73 -9.82 -7.29 4.27
C LEU A 73 -9.13 -8.47 3.58
N GLY A 74 -7.80 -8.53 3.63
CA GLY A 74 -7.08 -9.63 3.03
C GLY A 74 -5.60 -9.34 3.02
N TYR A 75 -4.89 -9.76 1.96
CA TYR A 75 -3.51 -9.34 1.81
C TYR A 75 -3.24 -8.87 0.37
N THR A 76 -2.40 -7.82 0.24
CA THR A 76 -1.80 -7.42 -1.02
C THR A 76 -0.39 -8.04 -1.09
N LYS A 77 0.39 -7.62 -2.08
CA LYS A 77 1.74 -8.16 -2.23
C LYS A 77 2.70 -7.02 -2.56
N ALA A 78 3.94 -7.16 -2.11
CA ALA A 78 4.98 -6.17 -2.38
C ALA A 78 6.28 -6.90 -2.73
N PHE A 79 7.24 -6.15 -3.26
CA PHE A 79 8.52 -6.71 -3.63
C PHE A 79 9.60 -5.67 -3.40
N VAL A 80 10.81 -6.14 -3.08
CA VAL A 80 11.98 -5.28 -3.04
C VAL A 80 12.63 -5.35 -4.43
N VAL A 81 12.53 -4.26 -5.19
CA VAL A 81 12.99 -4.24 -6.57
C VAL A 81 14.21 -3.34 -6.72
N ALA A 82 14.93 -3.55 -7.83
CA ALA A 82 16.14 -2.79 -8.14
C ALA A 82 16.48 -3.07 -9.59
N HIS A 83 17.32 -2.21 -10.16
CA HIS A 83 17.71 -2.36 -11.55
C HIS A 83 18.28 -3.76 -11.78
N PRO A 84 18.01 -4.38 -12.93
CA PRO A 84 18.51 -5.76 -13.14
C PRO A 84 20.01 -5.88 -12.96
N GLN A 85 20.78 -4.88 -13.39
CA GLN A 85 22.22 -4.85 -13.18
C GLN A 85 22.60 -4.17 -11.87
N HIS A 86 21.63 -3.92 -10.98
CA HIS A 86 21.93 -3.35 -9.68
C HIS A 86 22.89 -4.29 -8.93
N PRO A 87 23.81 -3.73 -8.14
CA PRO A 87 24.83 -4.58 -7.49
C PRO A 87 24.29 -5.81 -6.78
N LEU A 88 23.18 -5.71 -6.06
CA LEU A 88 22.82 -6.78 -5.14
C LEU A 88 22.10 -7.94 -5.81
N CYS A 89 22.02 -7.96 -7.14
CA CYS A 89 21.56 -9.14 -7.83
C CYS A 89 22.67 -10.18 -8.00
N ASN A 90 23.92 -9.74 -7.95
CA ASN A 90 25.04 -10.69 -8.00
C ASN A 90 25.01 -11.61 -6.80
N ALA A 91 24.72 -11.06 -5.62
CA ALA A 91 24.65 -11.82 -4.38
C ALA A 91 23.23 -12.31 -4.20
N SER A 92 23.04 -13.63 -4.26
CA SER A 92 21.75 -14.24 -3.95
C SER A 92 21.49 -14.30 -2.45
N LEU A 93 22.33 -13.64 -1.64
CA LEU A 93 22.28 -13.76 -0.18
C LEU A 93 22.62 -12.39 0.42
N HIS A 94 21.69 -11.44 0.27
CA HIS A 94 21.83 -10.11 0.82
C HIS A 94 20.88 -9.94 1.99
N SER A 95 21.40 -9.48 3.13
CA SER A 95 20.62 -9.38 4.34
C SER A 95 20.03 -7.97 4.50
N ILE A 96 19.33 -7.75 5.62
CA ILE A 96 18.79 -6.42 5.90
C ILE A 96 19.94 -5.44 6.16
N ALA A 97 20.97 -5.89 6.89
CA ALA A 97 22.12 -5.03 7.16
C ALA A 97 23.00 -4.80 5.93
N SER A 98 22.78 -5.57 4.85
CA SER A 98 23.51 -5.35 3.60
C SER A 98 22.76 -4.37 2.70
N LEU A 99 21.42 -4.46 2.69
CA LEU A 99 20.59 -3.50 1.97
C LEU A 99 20.49 -2.16 2.69
N ALA A 100 20.85 -2.10 3.97
CA ALA A 100 20.84 -0.83 4.70
C ALA A 100 22.04 0.04 4.34
N ASN A 101 23.03 -0.49 3.66
CA ASN A 101 24.19 0.28 3.23
C ASN A 101 24.05 0.85 1.83
N TYR A 102 22.95 0.54 1.13
CA TYR A 102 22.70 1.19 -0.14
C TYR A 102 21.53 2.16 -0.03
N ARG A 103 21.31 2.91 -1.11
CA ARG A 103 20.29 3.94 -1.13
C ARG A 103 18.93 3.30 -1.37
N GLN A 104 17.96 3.64 -0.52
CA GLN A 104 16.59 3.21 -0.69
C GLN A 104 15.77 4.38 -1.21
N ILE A 105 14.78 4.07 -2.06
CA ILE A 105 13.84 5.07 -2.55
C ILE A 105 12.56 4.84 -1.77
N SER A 106 12.41 5.55 -0.65
CA SER A 106 11.29 5.35 0.26
C SER A 106 10.14 6.29 -0.11
N LEU A 107 9.01 6.14 0.59
CA LEU A 107 7.86 7.02 0.41
C LEU A 107 7.83 8.01 1.56
N GLY A 108 8.32 9.24 1.31
CA GLY A 108 8.25 10.27 2.32
C GLY A 108 6.82 10.72 2.55
N SER A 109 6.56 11.16 3.78
CA SER A 109 5.22 11.60 4.17
C SER A 109 5.16 13.12 4.17
N ARG A 110 3.94 13.65 3.97
CA ARG A 110 3.76 15.10 3.94
C ARG A 110 3.82 15.73 5.32
N SER A 111 3.72 14.94 6.38
CA SER A 111 3.84 15.41 7.75
C SER A 111 5.21 15.14 8.37
N GLY A 112 6.11 14.47 7.64
CA GLY A 112 7.44 14.20 8.16
C GLY A 112 7.54 12.95 9.01
N GLN A 113 6.51 12.70 9.82
CA GLN A 113 6.42 11.45 10.55
C GLN A 113 6.61 10.26 9.62
N HIS A 114 7.11 9.15 10.18
CA HIS A 114 7.31 7.93 9.41
C HIS A 114 6.86 6.75 10.25
N SER A 115 5.80 6.09 9.78
CA SER A 115 5.26 4.92 10.45
C SER A 115 6.33 3.87 10.67
N ASN A 116 6.16 3.01 11.67
CA ASN A 116 7.04 1.84 11.75
C ASN A 116 6.90 0.96 10.53
N LEU A 117 5.77 1.04 9.80
CA LEU A 117 5.63 0.25 8.59
C LEU A 117 6.55 0.78 7.49
N LEU A 118 6.32 2.03 7.07
CA LEU A 118 7.07 2.59 5.95
C LEU A 118 8.33 3.32 6.39
N ARG A 119 8.68 3.30 7.68
CA ARG A 119 9.95 3.85 8.12
C ARG A 119 11.09 3.22 7.30
N PRO A 120 11.89 4.01 6.58
CA PRO A 120 12.90 3.39 5.70
C PRO A 120 13.86 2.51 6.46
N VAL A 121 14.37 1.51 5.76
CA VAL A 121 15.33 0.57 6.34
C VAL A 121 16.76 1.09 6.30
N SER A 122 17.13 1.68 5.17
CA SER A 122 18.48 2.18 4.98
C SER A 122 18.68 3.53 5.65
N ASP A 123 19.95 3.87 5.88
CA ASP A 123 20.31 5.18 6.40
C ASP A 123 20.53 6.20 5.28
N LYS A 124 20.98 5.74 4.10
CA LYS A 124 21.01 6.56 2.89
C LYS A 124 19.66 6.39 2.19
N VAL A 125 18.81 7.40 2.28
CA VAL A 125 17.46 7.33 1.76
C VAL A 125 17.19 8.56 0.90
N LEU A 126 16.31 8.39 -0.08
CA LEU A 126 15.89 9.48 -0.97
C LEU A 126 14.38 9.41 -1.04
N PHE A 127 13.70 10.34 -0.38
CA PHE A 127 12.25 10.27 -0.22
C PHE A 127 11.53 10.72 -1.49
N VAL A 128 10.46 10.01 -1.83
CA VAL A 128 9.53 10.41 -2.87
C VAL A 128 8.12 10.32 -2.28
N GLU A 129 7.14 10.78 -3.06
CA GLU A 129 5.76 10.85 -2.59
C GLU A 129 4.84 9.86 -3.28
N ASN A 130 5.36 8.99 -4.14
CA ASN A 130 4.52 8.15 -5.00
C ASN A 130 5.41 7.06 -5.59
N PHE A 131 4.78 5.97 -6.04
CA PHE A 131 5.56 4.85 -6.57
C PHE A 131 6.06 5.13 -8.00
N ASP A 132 5.31 5.90 -8.78
CA ASP A 132 5.76 6.23 -10.14
C ASP A 132 7.15 6.84 -10.13
N ASP A 133 7.38 7.80 -9.23
CA ASP A 133 8.71 8.39 -9.12
C ASP A 133 9.69 7.45 -8.43
N MET A 134 9.22 6.63 -7.50
CA MET A 134 10.12 5.65 -6.88
C MET A 134 10.72 4.75 -7.96
N LEU A 135 9.92 4.41 -8.97
CA LEU A 135 10.33 3.49 -10.02
C LEU A 135 11.17 4.18 -11.08
N ARG A 136 10.83 5.42 -11.43
CA ARG A 136 11.65 6.19 -12.36
C ARG A 136 13.09 6.28 -11.87
N LEU A 137 13.28 6.33 -10.54
CA LEU A 137 14.63 6.30 -9.99
C LEU A 137 15.21 4.89 -10.03
N VAL A 138 14.48 3.92 -9.48
CA VAL A 138 15.00 2.55 -9.37
C VAL A 138 15.36 2.01 -10.76
N GLU A 139 14.55 2.33 -11.77
CA GLU A 139 14.90 1.89 -13.12
C GLU A 139 16.21 2.52 -13.58
N ALA A 140 16.49 3.75 -13.15
CA ALA A 140 17.77 4.40 -13.46
C ALA A 140 18.92 3.87 -12.61
N GLY A 141 18.64 2.95 -11.68
CA GLY A 141 19.69 2.42 -10.83
C GLY A 141 20.13 3.34 -9.71
N VAL A 142 19.27 4.29 -9.32
CA VAL A 142 19.63 5.20 -8.24
C VAL A 142 19.52 4.51 -6.89
N GLY A 143 18.78 3.43 -6.81
CA GLY A 143 18.61 2.70 -5.56
C GLY A 143 17.59 1.61 -5.72
N TRP A 144 17.21 1.03 -4.59
CA TRP A 144 16.18 0.00 -4.51
C TRP A 144 14.99 0.54 -3.73
N GLY A 145 13.88 -0.21 -3.76
CA GLY A 145 12.67 0.23 -3.10
C GLY A 145 11.66 -0.90 -3.01
N ILE A 146 10.71 -0.72 -2.10
CA ILE A 146 9.65 -1.68 -1.88
C ILE A 146 8.40 -1.17 -2.59
N ALA A 147 7.88 -1.96 -3.53
CA ALA A 147 6.79 -1.52 -4.38
C ALA A 147 5.68 -2.54 -4.40
N PRO A 148 4.45 -2.13 -4.68
CA PRO A 148 3.35 -3.11 -4.80
C PRO A 148 3.55 -4.00 -6.02
N HIS A 149 2.92 -5.17 -5.98
CA HIS A 149 3.04 -6.11 -7.09
C HIS A 149 2.47 -5.52 -8.38
N TYR A 150 1.37 -4.76 -8.29
CA TYR A 150 0.71 -4.32 -9.52
C TYR A 150 1.54 -3.28 -10.26
N PHE A 151 2.37 -2.51 -9.53
CA PHE A 151 3.31 -1.62 -10.21
C PHE A 151 4.43 -2.40 -10.91
N VAL A 152 5.13 -3.25 -10.16
CA VAL A 152 6.32 -3.90 -10.69
C VAL A 152 5.98 -5.21 -11.40
N GLU A 153 4.72 -5.40 -11.75
CA GLU A 153 4.32 -6.63 -12.45
C GLU A 153 4.89 -6.64 -13.87
N GLU A 154 4.45 -5.73 -14.73
CA GLU A 154 4.97 -5.69 -16.08
C GLU A 154 6.49 -5.56 -16.10
N ARG A 155 7.01 -4.62 -15.30
CA ARG A 155 8.45 -4.37 -15.30
C ARG A 155 9.24 -5.63 -14.99
N LEU A 156 8.73 -6.47 -14.08
CA LEU A 156 9.45 -7.71 -13.74
C LEU A 156 9.38 -8.73 -14.87
N ARG A 157 8.22 -8.84 -15.54
CA ARG A 157 8.07 -9.86 -16.56
C ARG A 157 8.99 -9.61 -17.75
N ASN A 158 9.09 -8.36 -18.21
CA ASN A 158 9.90 -8.01 -19.36
C ASN A 158 11.34 -7.64 -19.00
N GLY A 159 11.73 -7.81 -17.74
CA GLY A 159 13.12 -7.72 -17.34
C GLY A 159 13.65 -6.33 -17.10
N THR A 160 12.82 -5.30 -17.18
CA THR A 160 13.26 -3.95 -16.86
C THR A 160 13.60 -3.78 -15.38
N LEU A 161 13.33 -4.79 -14.55
CA LEU A 161 13.42 -4.62 -13.11
C LEU A 161 13.44 -6.01 -12.49
N ALA A 162 14.29 -6.17 -11.46
CA ALA A 162 14.47 -7.46 -10.81
C ALA A 162 14.04 -7.38 -9.35
N VAL A 163 13.90 -8.55 -8.73
CA VAL A 163 13.41 -8.68 -7.37
C VAL A 163 14.55 -9.14 -6.47
N LEU A 164 14.61 -8.55 -5.28
CA LEU A 164 15.64 -8.87 -4.30
C LEU A 164 15.08 -9.59 -3.09
N SER A 165 13.77 -9.79 -3.02
CA SER A 165 13.11 -10.28 -1.80
C SER A 165 12.52 -11.67 -2.05
N GLU A 166 13.42 -12.65 -2.19
CA GLU A 166 12.99 -14.03 -2.37
C GLU A 166 13.54 -14.99 -1.34
N LEU A 167 14.74 -14.75 -0.81
CA LEU A 167 15.17 -15.50 0.36
C LEU A 167 14.47 -14.97 1.61
N TYR A 168 14.16 -13.67 1.64
CA TYR A 168 13.37 -13.13 2.75
C TYR A 168 12.00 -13.79 2.82
N GLU A 169 11.18 -13.59 1.77
CA GLU A 169 9.86 -14.21 1.68
C GLU A 169 9.59 -14.62 0.24
N PRO A 170 9.74 -15.89 -0.09
CA PRO A 170 9.45 -16.34 -1.47
C PRO A 170 8.05 -15.92 -1.90
N GLY A 171 7.94 -15.56 -3.18
CA GLY A 171 6.65 -15.15 -3.73
C GLY A 171 6.23 -13.75 -3.41
N GLY A 172 7.08 -12.95 -2.75
CA GLY A 172 6.76 -11.58 -2.44
C GLY A 172 6.34 -11.41 -0.98
N ILE A 173 6.54 -10.18 -0.49
CA ILE A 173 6.26 -9.86 0.91
C ILE A 173 4.76 -9.58 1.03
N ASP A 174 4.03 -10.51 1.66
CA ASP A 174 2.60 -10.33 1.86
C ASP A 174 2.36 -9.33 2.98
N THR A 175 1.47 -8.37 2.73
CA THR A 175 1.22 -7.28 3.66
C THR A 175 -0.28 -7.16 3.87
N LYS A 176 -0.73 -7.19 5.11
CA LYS A 176 -2.15 -7.08 5.38
C LYS A 176 -2.72 -5.77 4.85
N VAL A 177 -3.83 -5.86 4.13
CA VAL A 177 -4.68 -4.71 3.82
C VAL A 177 -5.69 -4.56 4.93
N TYR A 178 -5.76 -3.38 5.56
CA TYR A 178 -6.78 -3.21 6.57
C TYR A 178 -7.86 -2.26 6.05
N CYS A 179 -8.93 -2.17 6.84
CA CYS A 179 -10.06 -1.30 6.53
C CYS A 179 -10.49 -0.61 7.82
N TYR A 180 -10.12 0.65 7.98
CA TYR A 180 -10.63 1.48 9.06
C TYR A 180 -11.98 2.03 8.65
N TYR A 181 -12.87 2.23 9.61
CA TYR A 181 -14.25 2.59 9.28
C TYR A 181 -14.93 3.22 10.48
N ASN A 182 -15.72 4.26 10.23
CA ASN A 182 -16.29 5.07 11.29
C ASN A 182 -17.43 4.32 11.98
N THR A 183 -17.55 4.57 13.29
CA THR A 183 -18.43 3.76 14.13
C THR A 183 -19.85 3.70 13.59
N ALA A 184 -20.32 4.79 12.98
CA ALA A 184 -21.73 4.87 12.61
C ALA A 184 -22.11 3.81 11.58
N LEU A 185 -21.17 3.40 10.73
CA LEU A 185 -21.49 2.40 9.71
C LEU A 185 -21.63 0.99 10.27
N GLU A 186 -21.26 0.79 11.56
CA GLU A 186 -21.53 -0.51 12.19
C GLU A 186 -22.95 -0.95 11.93
N SER A 187 -23.92 -0.04 12.04
CA SER A 187 -25.33 -0.36 11.93
C SER A 187 -25.78 -0.20 10.49
N GLU A 188 -25.46 -1.20 9.68
CA GLU A 188 -25.85 -1.17 8.27
C GLU A 188 -25.48 -2.47 7.60
N ARG A 189 -26.32 -2.98 6.68
CA ARG A 189 -26.00 -4.21 5.97
C ARG A 189 -24.90 -3.97 4.93
N SER A 190 -25.19 -3.10 3.94
CA SER A 190 -24.34 -2.89 2.78
C SER A 190 -22.86 -2.92 3.13
N PHE A 191 -22.51 -2.32 4.27
CA PHE A 191 -21.12 -2.36 4.72
C PHE A 191 -20.66 -3.79 4.96
N LEU A 192 -21.44 -4.55 5.73
CA LEU A 192 -21.18 -5.97 5.89
C LEU A 192 -21.17 -6.68 4.53
N ARG A 193 -22.04 -6.25 3.62
CA ARG A 193 -22.03 -6.81 2.27
C ARG A 193 -20.79 -6.37 1.51
N PHE A 194 -20.36 -5.12 1.71
CA PHE A 194 -19.11 -4.64 1.14
C PHE A 194 -17.89 -5.37 1.70
N LEU A 195 -17.84 -5.56 3.02
CA LEU A 195 -16.73 -6.29 3.62
C LEU A 195 -16.58 -7.67 3.00
N GLU A 196 -17.68 -8.44 2.93
CA GLU A 196 -17.59 -9.80 2.42
C GLU A 196 -17.19 -9.81 0.96
N SER A 197 -17.59 -8.80 0.19
CA SER A 197 -17.20 -8.73 -1.22
C SER A 197 -15.77 -8.25 -1.38
N ALA A 198 -15.36 -7.26 -0.59
CA ALA A 198 -13.98 -6.78 -0.66
C ALA A 198 -13.01 -7.88 -0.28
N ARG A 199 -13.36 -8.69 0.73
CA ARG A 199 -12.52 -9.79 1.14
C ARG A 199 -12.35 -10.81 0.02
N GLN A 200 -13.48 -11.31 -0.51
CA GLN A 200 -13.40 -12.23 -1.64
C GLN A 200 -12.75 -11.59 -2.86
N ARG A 201 -12.69 -10.25 -2.91
CA ARG A 201 -12.05 -9.58 -4.03
C ARG A 201 -10.52 -9.60 -3.91
N LEU A 202 -9.99 -9.37 -2.71
CA LEU A 202 -8.54 -9.43 -2.55
C LEU A 202 -8.01 -10.85 -2.68
N ARG A 203 -8.83 -11.85 -2.33
CA ARG A 203 -8.40 -13.25 -2.49
C ARG A 203 -8.20 -13.57 -3.97
N GLU A 204 -9.13 -13.13 -4.82
CA GLU A 204 -9.07 -13.44 -6.24
C GLU A 204 -7.82 -12.89 -6.91
N LEU A 205 -7.13 -11.94 -6.27
CA LEU A 205 -5.90 -11.38 -6.82
C LEU A 205 -4.66 -12.19 -6.43
N GLY A 206 -4.81 -13.49 -6.25
CA GLY A 206 -3.68 -14.36 -5.96
C GLY A 206 -3.51 -15.47 -6.98
C13 5N9 B . 6.32 -3.31 5.72
C15 5N9 B . 11.51 -6.82 3.80
C17 5N9 B . 13.81 -6.50 3.16
C20 5N9 B . 8.88 -3.20 5.59
C22 5N9 B . 10.05 -4.88 4.54
C24 5N9 B . 7.76 -5.06 4.59
C28 5N9 B . 15.10 -8.87 1.29
C02 5N9 B . 6.79 -0.46 2.47
C03 5N9 B . 6.63 -1.32 3.55
C04 5N9 B . 5.66 -2.33 3.47
C05 5N9 B . 4.91 -2.40 2.30
C06 5N9 B . 5.12 -1.51 1.27
C07 5N9 B . 4.29 -1.61 -0.01
C12 5N9 B . 7.68 -3.87 5.31
C14 5N9 B . 11.38 -5.47 4.07
C16 5N9 B . 12.71 -7.34 3.35
C18 5N9 B . 13.67 -5.15 3.42
C19 5N9 B . 12.46 -4.63 3.87
C27 5N9 B . 15.33 -8.34 2.72
C29 5N9 B . 16.79 -8.52 3.16
F08 5N9 B . 3.46 -0.51 -0.12
F09 5N9 B . 5.13 -1.65 -1.10
F10 5N9 B . 3.53 -2.75 0.03
N01 5N9 B . 6.04 -0.57 1.38
N11 5N9 B . 5.43 -3.27 4.57
N21 5N9 B . 10.02 -3.74 5.19
N23 5N9 B . 8.94 -5.54 4.23
O26 5N9 B . 15.06 -6.97 2.71
CL1 5N9 B . 15.05 -4.04 3.18
H132 5N9 B . 6.44 -2.42 6.08
H131 5N9 B . 5.94 -3.88 6.40
H151 5N9 B . 10.78 -7.39 3.93
H201 5N9 B . 8.86 -2.40 6.06
H241 5N9 B . 6.98 -5.52 4.38
H282 5N9 B . 14.16 -8.88 1.11
H281 5N9 B . 15.45 -9.77 1.23
H283 5N9 B . 15.56 -8.30 0.66
H021 5N9 B . 7.42 0.22 2.53
H031 5N9 B . 7.14 -1.22 4.32
H051 5N9 B . 4.26 -3.06 2.22
H161 5N9 B . 12.80 -8.25 3.18
H191 5N9 B . 12.37 -3.72 4.03
H271 5N9 B . 14.72 -8.79 3.33
H293 5N9 B . 17.35 -8.64 2.38
H291 5N9 B . 16.86 -9.30 3.73
H292 5N9 B . 17.08 -7.74 3.65
H111 5N9 B . 4.76 -3.80 4.53
#